data_4NFA
#
_entry.id   4NFA
#
_cell.length_a   74.855
_cell.length_b   74.855
_cell.length_c   88.756
_cell.angle_alpha   90.00
_cell.angle_beta   90.00
_cell.angle_gamma   120.00
#
_symmetry.space_group_name_H-M   'P 31 2 1'
#
loop_
_entity.id
_entity.type
_entity.pdbx_description
1 polymer 'Protein CASC5'
2 non-polymer 'CHLORIDE ION'
3 non-polymer GLYCEROL
4 water water
#
_entity_poly.entity_id   1
_entity_poly.type   'polypeptide(L)'
_entity_poly.pdbx_seq_one_letter_code
;SLSEWDVVEWSDDQAVFTFVYDTIQLTITFEESVVGFPFLDKRYRKIVDVNFQSLLDEDQAPPSSLLVHKLIFQYVEEKE
SWKKTCTTQHQLPKMLEEFSLVVHHCRLLGEEIEYLKRWGPNYNLMNIDINNNELRLLFSSSAAFAKFEITLFLSAYYPS
VPLPSTIQNHVGNTSQDDIATILSKVPLENNYLKNVVKQIYQDLFQD
;
_entity_poly.pdbx_strand_id   A
#
loop_
_chem_comp.id
_chem_comp.type
_chem_comp.name
_chem_comp.formula
CL non-polymer 'CHLORIDE ION' 'Cl -1'
GOL non-polymer GLYCEROL 'C3 H8 O3'
#
# COMPACT_ATOMS: atom_id res chain seq x y z
N SER A 1 -23.79 -2.73 13.45
CA SER A 1 -23.54 -2.95 12.03
C SER A 1 -22.25 -3.73 11.78
N LEU A 2 -21.65 -3.53 10.62
CA LEU A 2 -20.40 -4.17 10.26
C LEU A 2 -19.30 -3.16 9.99
N SER A 3 -18.05 -3.63 9.98
CA SER A 3 -16.94 -2.82 9.50
C SER A 3 -16.13 -3.59 8.47
N GLU A 4 -14.98 -3.05 8.09
CA GLU A 4 -14.21 -3.66 7.00
C GLU A 4 -13.50 -4.95 7.45
N TRP A 5 -13.66 -5.30 8.72
CA TRP A 5 -13.05 -6.52 9.24
C TRP A 5 -14.06 -7.66 9.24
N ASP A 6 -13.57 -8.87 8.96
CA ASP A 6 -14.39 -10.07 8.99
C ASP A 6 -14.76 -10.42 10.41
N VAL A 7 -13.81 -10.25 11.32
CA VAL A 7 -13.96 -10.75 12.68
C VAL A 7 -13.25 -9.87 13.71
N VAL A 8 -13.89 -9.68 14.85
CA VAL A 8 -13.26 -9.06 16.00
C VAL A 8 -13.28 -10.03 17.16
N GLU A 9 -12.12 -10.25 17.76
CA GLU A 9 -12.04 -11.08 18.96
C GLU A 9 -11.30 -10.34 20.06
N TRP A 10 -11.56 -10.74 21.29
CA TRP A 10 -10.85 -10.17 22.41
C TRP A 10 -10.56 -11.24 23.44
N SER A 11 -9.66 -10.93 24.35
CA SER A 11 -9.29 -11.88 25.39
C SER A 11 -10.38 -11.92 26.43
N ASP A 12 -10.28 -12.90 27.33
CA ASP A 12 -11.22 -13.09 28.43
C ASP A 12 -11.27 -11.91 29.40
N ASP A 13 -10.15 -11.21 29.54
CA ASP A 13 -10.07 -10.04 30.41
C ASP A 13 -10.32 -8.79 29.59
N GLN A 14 -10.47 -8.96 28.29
CA GLN A 14 -10.87 -7.89 27.39
C GLN A 14 -9.88 -6.74 27.30
N ALA A 15 -8.59 -7.09 27.29
CA ALA A 15 -7.53 -6.10 27.18
C ALA A 15 -6.89 -6.19 25.81
N VAL A 16 -7.04 -7.34 25.16
CA VAL A 16 -6.44 -7.56 23.86
C VAL A 16 -7.52 -7.80 22.82
N PHE A 17 -7.50 -7.00 21.76
CA PHE A 17 -8.49 -7.10 20.70
C PHE A 17 -7.83 -7.42 19.38
N THR A 18 -8.32 -8.46 18.72
CA THR A 18 -7.83 -8.84 17.42
C THR A 18 -8.86 -8.51 16.34
N PHE A 19 -8.41 -7.88 15.27
CA PHE A 19 -9.26 -7.55 14.15
C PHE A 19 -8.72 -8.23 12.93
N VAL A 20 -9.57 -8.97 12.26
CA VAL A 20 -9.17 -9.74 11.10
C VAL A 20 -9.75 -9.29 9.79
N TYR A 21 -8.88 -9.15 8.80
CA TYR A 21 -9.27 -8.79 7.45
C TYR A 21 -8.65 -9.86 6.60
N ASP A 22 -9.30 -11.01 6.48
CA ASP A 22 -8.75 -12.11 5.71
C ASP A 22 -7.46 -12.57 6.35
N THR A 23 -6.36 -12.47 5.61
CA THR A 23 -5.04 -12.88 6.05
C THR A 23 -4.30 -11.82 6.85
N ILE A 24 -4.95 -10.69 7.08
CA ILE A 24 -4.35 -9.60 7.84
C ILE A 24 -4.95 -9.50 9.23
N GLN A 25 -4.09 -9.37 10.25
CA GLN A 25 -4.53 -9.26 11.63
C GLN A 25 -3.93 -8.06 12.35
N LEU A 26 -4.75 -7.30 13.06
CA LEU A 26 -4.26 -6.19 13.84
C LEU A 26 -4.63 -6.44 15.28
N THR A 27 -3.65 -6.43 16.15
CA THR A 27 -3.91 -6.71 17.55
C THR A 27 -3.65 -5.48 18.38
N ILE A 28 -4.64 -5.12 19.18
CA ILE A 28 -4.54 -3.94 20.01
C ILE A 28 -4.63 -4.31 21.48
N THR A 29 -3.61 -3.90 22.23
CA THR A 29 -3.53 -4.19 23.65
C THR A 29 -3.79 -2.93 24.45
N PHE A 30 -4.80 -2.99 25.32
CA PHE A 30 -5.13 -1.89 26.20
C PHE A 30 -4.41 -2.03 27.53
N GLU A 31 -4.05 -0.92 28.15
CA GLU A 31 -3.45 -0.93 29.48
C GLU A 31 -4.23 -1.77 30.48
N GLU A 32 -5.56 -1.66 30.42
CA GLU A 32 -6.42 -2.46 31.27
C GLU A 32 -7.65 -2.90 30.55
N SER A 33 -8.33 -3.86 31.15
CA SER A 33 -9.59 -4.37 30.65
C SER A 33 -10.48 -3.24 30.19
N VAL A 34 -11.07 -3.41 29.01
CA VAL A 34 -11.94 -2.40 28.43
C VAL A 34 -13.35 -2.57 28.98
N VAL A 35 -13.90 -1.51 29.56
CA VAL A 35 -15.30 -1.52 29.95
C VAL A 35 -16.07 -0.41 29.22
N GLY A 36 -17.35 -0.66 28.95
CA GLY A 36 -18.16 0.33 28.28
C GLY A 36 -18.31 -0.04 26.83
N PHE A 37 -18.38 0.97 25.97
CA PHE A 37 -18.62 0.77 24.54
C PHE A 37 -17.54 1.45 23.70
N PRO A 38 -16.40 0.76 23.56
CA PRO A 38 -15.13 1.22 22.98
C PRO A 38 -15.31 1.94 21.64
N PHE A 39 -16.29 1.55 20.84
CA PHE A 39 -16.48 2.26 19.60
C PHE A 39 -17.41 3.47 19.71
N LEU A 40 -18.34 3.43 20.66
CA LEU A 40 -19.34 4.50 20.78
C LEU A 40 -18.98 5.53 21.87
N ASP A 41 -18.30 5.06 22.92
CA ASP A 41 -17.97 5.84 24.13
C ASP A 41 -17.45 7.26 23.94
N LYS A 42 -16.37 7.36 23.17
CA LYS A 42 -15.50 8.54 23.16
C LYS A 42 -14.72 8.66 24.48
N ARG A 43 -14.57 7.56 25.22
CA ARG A 43 -13.85 7.58 26.50
C ARG A 43 -12.37 7.35 26.30
N TYR A 44 -11.55 8.18 26.92
CA TYR A 44 -10.11 7.92 26.86
C TYR A 44 -9.76 6.57 27.46
N ARG A 45 -9.10 5.75 26.65
CA ARG A 45 -8.64 4.44 27.06
C ARG A 45 -7.20 4.35 26.59
N LYS A 46 -6.31 3.93 27.48
CA LYS A 46 -4.90 3.90 27.18
C LYS A 46 -4.55 2.63 26.42
N ILE A 47 -3.97 2.78 25.23
CA ILE A 47 -3.48 1.65 24.45
C ILE A 47 -1.97 1.50 24.62
N VAL A 48 -1.52 0.31 25.02
CA VAL A 48 -0.08 0.10 25.27
C VAL A 48 0.64 -0.63 24.14
N ASP A 49 -0.09 -1.24 23.22
CA ASP A 49 0.55 -1.94 22.12
C ASP A 49 -0.34 -2.13 20.91
N VAL A 50 0.24 -2.01 19.73
CA VAL A 50 -0.44 -2.33 18.49
C VAL A 50 0.43 -3.25 17.63
N ASN A 51 -0.13 -4.40 17.27
CA ASN A 51 0.62 -5.44 16.55
C ASN A 51 0.02 -5.89 15.22
N PHE A 52 0.85 -5.94 14.18
CA PHE A 52 0.43 -6.54 12.92
C PHE A 52 0.86 -8.01 12.86
N GLN A 53 -0.08 -8.90 12.56
CA GLN A 53 0.27 -10.28 12.21
C GLN A 53 -0.22 -10.61 10.80
N SER A 54 0.46 -11.54 10.14
CA SER A 54 0.07 -11.93 8.80
C SER A 54 -0.07 -13.43 8.65
N LEU A 55 -1.16 -13.86 8.04
CA LEU A 55 -1.44 -15.26 7.80
C LEU A 55 -0.98 -15.68 6.40
N LEU A 56 -0.04 -14.94 5.81
CA LEU A 56 0.34 -15.13 4.41
C LEU A 56 1.52 -16.07 4.22
N ASP A 57 1.37 -17.06 3.34
CA ASP A 57 2.48 -17.93 2.98
C ASP A 57 3.32 -17.29 1.87
N GLU A 58 4.48 -16.77 2.27
CA GLU A 58 5.35 -16.05 1.33
C GLU A 58 5.76 -16.91 0.14
N ASP A 59 5.71 -18.23 0.33
CA ASP A 59 6.17 -19.16 -0.69
C ASP A 59 5.07 -19.54 -1.69
N GLN A 60 3.82 -19.29 -1.31
CA GLN A 60 2.66 -19.71 -2.10
C GLN A 60 1.77 -18.51 -2.46
N ALA A 61 2.37 -17.33 -2.60
CA ALA A 61 1.61 -16.12 -2.86
C ALA A 61 2.24 -15.27 -3.96
N PRO A 62 1.40 -14.65 -4.80
CA PRO A 62 1.92 -13.80 -5.87
C PRO A 62 2.69 -12.67 -5.24
N PRO A 63 3.79 -12.24 -5.87
CA PRO A 63 4.65 -11.18 -5.35
C PRO A 63 3.84 -9.92 -5.03
N SER A 64 2.70 -9.75 -5.68
CA SER A 64 1.86 -8.59 -5.47
C SER A 64 1.23 -8.63 -4.07
N SER A 65 0.65 -9.76 -3.71
CA SER A 65 0.07 -9.97 -2.39
C SER A 65 1.13 -9.76 -1.30
N LEU A 66 2.34 -10.24 -1.55
CA LEU A 66 3.47 -10.03 -0.65
C LEU A 66 3.76 -8.54 -0.46
N LEU A 67 3.78 -7.80 -1.56
CA LEU A 67 3.98 -6.36 -1.51
C LEU A 67 2.92 -5.74 -0.61
N VAL A 68 1.68 -6.14 -0.83
CA VAL A 68 0.57 -5.60 -0.06
C VAL A 68 0.83 -5.80 1.42
N HIS A 69 1.11 -7.04 1.78
CA HIS A 69 1.34 -7.40 3.16
C HIS A 69 2.55 -6.69 3.75
N LYS A 70 3.59 -6.53 2.95
CA LYS A 70 4.79 -5.81 3.40
C LYS A 70 4.53 -4.34 3.66
N LEU A 71 3.63 -3.74 2.89
CA LEU A 71 3.38 -2.31 3.03
C LEU A 71 2.61 -2.01 4.32
N ILE A 72 1.64 -2.87 4.63
CA ILE A 72 0.86 -2.73 5.84
C ILE A 72 1.72 -3.08 7.06
N PHE A 73 2.52 -4.13 6.93
CA PHE A 73 3.52 -4.51 7.92
C PHE A 73 4.34 -3.27 8.26
N GLN A 74 5.04 -2.71 7.27
CA GLN A 74 5.90 -1.56 7.53
C GLN A 74 5.11 -0.36 8.08
N TYR A 75 3.86 -0.22 7.65
CA TYR A 75 3.03 0.86 8.14
C TYR A 75 2.80 0.74 9.65
N VAL A 76 2.35 -0.43 10.09
CA VAL A 76 2.16 -0.67 11.52
C VAL A 76 3.46 -0.63 12.32
N GLU A 77 4.53 -1.19 11.77
CA GLU A 77 5.83 -1.11 12.44
C GLU A 77 6.24 0.33 12.74
N GLU A 78 6.10 1.21 11.76
CA GLU A 78 6.57 2.57 11.93
C GLU A 78 5.66 3.34 12.86
N LYS A 79 4.36 3.05 12.76
CA LYS A 79 3.37 3.63 13.65
C LYS A 79 3.72 3.38 15.13
N GLU A 80 4.08 2.14 15.47
CA GLU A 80 4.33 1.78 16.87
C GLU A 80 5.63 2.37 17.44
N SER A 81 6.53 2.80 16.56
CA SER A 81 7.79 3.41 17.00
C SER A 81 7.62 4.85 17.53
N TRP A 82 6.37 5.23 17.80
CA TRP A 82 6.08 6.55 18.38
C TRP A 82 6.23 6.54 19.91
N LYS A 83 6.01 5.39 20.52
CA LYS A 83 6.19 5.21 21.97
C LYS A 83 5.38 6.22 22.76
N THR A 87 4.01 11.53 23.63
CA THR A 87 3.29 11.89 24.85
C THR A 87 1.86 11.39 24.80
N THR A 88 1.34 11.21 23.59
CA THR A 88 -0.05 10.83 23.38
C THR A 88 -0.17 9.81 22.25
N GLN A 89 -1.26 9.05 22.27
CA GLN A 89 -1.48 8.00 21.29
C GLN A 89 -2.84 8.14 20.63
N HIS A 90 -3.00 7.48 19.49
CA HIS A 90 -4.29 7.43 18.80
C HIS A 90 -5.28 6.59 19.59
N GLN A 91 -6.56 6.75 19.29
CA GLN A 91 -7.61 5.98 19.96
C GLN A 91 -8.34 5.01 19.02
N LEU A 92 -8.86 3.93 19.59
CA LEU A 92 -9.41 2.82 18.82
C LEU A 92 -10.18 3.19 17.54
N PRO A 93 -11.21 4.04 17.66
CA PRO A 93 -12.05 4.27 16.47
C PRO A 93 -11.22 4.81 15.31
N LYS A 94 -10.34 5.78 15.62
CA LYS A 94 -9.51 6.43 14.62
C LYS A 94 -8.53 5.42 14.03
N MET A 95 -7.73 4.83 14.91
CA MET A 95 -6.85 3.74 14.55
C MET A 95 -7.51 2.80 13.53
N LEU A 96 -8.71 2.33 13.87
CA LEU A 96 -9.41 1.33 13.05
C LEU A 96 -9.90 1.87 11.71
N GLU A 97 -10.37 3.12 11.69
CA GLU A 97 -10.80 3.74 10.45
C GLU A 97 -9.64 3.84 9.48
N GLU A 98 -8.56 4.46 9.94
CA GLU A 98 -7.36 4.60 9.11
C GLU A 98 -6.90 3.25 8.62
N PHE A 99 -6.86 2.27 9.52
CA PHE A 99 -6.32 0.99 9.15
C PHE A 99 -7.16 0.28 8.09
N SER A 100 -8.49 0.40 8.20
CA SER A 100 -9.37 -0.25 7.25
C SER A 100 -9.14 0.35 5.88
N LEU A 101 -8.99 1.67 5.86
CA LEU A 101 -8.80 2.40 4.62
C LEU A 101 -7.46 2.01 3.99
N VAL A 102 -6.46 1.83 4.84
CA VAL A 102 -5.13 1.47 4.38
C VAL A 102 -5.19 0.08 3.75
N VAL A 103 -5.90 -0.83 4.39
CA VAL A 103 -6.01 -2.20 3.92
C VAL A 103 -6.78 -2.24 2.59
N HIS A 104 -7.89 -1.51 2.55
CA HIS A 104 -8.68 -1.38 1.35
C HIS A 104 -7.83 -0.92 0.17
N HIS A 105 -7.12 0.18 0.34
CA HIS A 105 -6.35 0.79 -0.73
C HIS A 105 -5.15 -0.03 -1.16
N CYS A 106 -4.55 -0.72 -0.21
CA CYS A 106 -3.39 -1.54 -0.52
C CYS A 106 -3.80 -2.80 -1.26
N ARG A 107 -4.97 -3.33 -0.92
CA ARG A 107 -5.49 -4.45 -1.70
C ARG A 107 -5.82 -4.02 -3.14
N LEU A 108 -6.47 -2.86 -3.29
CA LEU A 108 -6.68 -2.28 -4.62
C LEU A 108 -5.37 -2.24 -5.40
N LEU A 109 -4.33 -1.76 -4.75
CA LEU A 109 -3.02 -1.63 -5.37
C LEU A 109 -2.49 -2.95 -5.88
N GLY A 110 -2.69 -4.01 -5.10
CA GLY A 110 -2.25 -5.33 -5.50
C GLY A 110 -2.93 -5.72 -6.80
N GLU A 111 -4.20 -5.34 -6.92
CA GLU A 111 -4.99 -5.62 -8.10
C GLU A 111 -4.45 -4.87 -9.32
N GLU A 112 -4.05 -3.61 -9.13
CA GLU A 112 -3.44 -2.85 -10.21
C GLU A 112 -2.16 -3.52 -10.68
N ILE A 113 -1.41 -4.09 -9.75
CA ILE A 113 -0.17 -4.74 -10.10
C ILE A 113 -0.46 -5.97 -10.95
N GLU A 114 -1.53 -6.68 -10.61
CA GLU A 114 -1.95 -7.86 -11.37
C GLU A 114 -2.40 -7.48 -12.79
N TYR A 115 -3.18 -6.41 -12.88
CA TYR A 115 -3.57 -5.84 -14.16
C TYR A 115 -2.34 -5.53 -15.03
N LEU A 116 -1.32 -4.94 -14.43
CA LEU A 116 -0.12 -4.57 -15.19
C LEU A 116 0.73 -5.78 -15.56
N LYS A 117 0.75 -6.79 -14.69
CA LYS A 117 1.51 -8.01 -15.02
C LYS A 117 0.86 -8.66 -16.23
N ARG A 118 -0.47 -8.65 -16.27
CA ARG A 118 -1.21 -9.20 -17.39
C ARG A 118 -1.14 -8.36 -18.68
N TRP A 119 -1.52 -7.09 -18.60
CA TRP A 119 -1.72 -6.22 -19.77
C TRP A 119 -0.58 -5.27 -20.14
N GLY A 120 0.55 -5.35 -19.43
CA GLY A 120 1.61 -4.35 -19.50
C GLY A 120 2.25 -4.06 -20.85
N PRO A 121 2.52 -5.11 -21.63
CA PRO A 121 3.03 -4.91 -22.99
C PRO A 121 2.15 -4.04 -23.91
N ASN A 122 0.88 -3.84 -23.58
CA ASN A 122 0.05 -2.90 -24.34
C ASN A 122 0.47 -1.45 -24.11
N TYR A 123 1.18 -1.20 -23.01
CA TYR A 123 1.67 0.14 -22.74
C TYR A 123 3.18 0.21 -22.89
N ASN A 124 3.74 -0.84 -23.49
CA ASN A 124 5.20 -0.97 -23.65
C ASN A 124 5.91 -1.21 -22.31
N LEU A 125 5.13 -1.64 -21.32
CA LEU A 125 5.67 -2.05 -20.03
C LEU A 125 6.08 -3.51 -20.15
N MET A 126 7.38 -3.76 -20.26
CA MET A 126 7.89 -5.09 -20.61
C MET A 126 8.40 -5.87 -19.42
N ASN A 127 8.58 -5.18 -18.29
CA ASN A 127 8.94 -5.89 -17.09
C ASN A 127 8.45 -5.21 -15.83
N ILE A 128 7.95 -6.03 -14.90
CA ILE A 128 7.64 -5.56 -13.56
C ILE A 128 8.41 -6.36 -12.54
N ASP A 129 9.20 -5.66 -11.73
CA ASP A 129 9.94 -6.32 -10.67
C ASP A 129 9.59 -5.68 -9.32
N ILE A 130 9.36 -6.50 -8.31
CA ILE A 130 9.06 -5.98 -6.98
C ILE A 130 10.11 -6.38 -5.97
N ASN A 131 10.74 -5.40 -5.34
CA ASN A 131 11.70 -5.67 -4.31
C ASN A 131 11.31 -4.90 -3.06
N ASN A 132 10.76 -5.60 -2.07
CA ASN A 132 10.28 -4.93 -0.87
C ASN A 132 9.21 -3.92 -1.26
N ASN A 133 9.45 -2.65 -0.97
CA ASN A 133 8.49 -1.63 -1.32
C ASN A 133 8.81 -0.95 -2.66
N GLU A 134 9.88 -1.37 -3.31
CA GLU A 134 10.28 -0.77 -4.57
C GLU A 134 9.69 -1.49 -5.77
N LEU A 135 8.98 -0.74 -6.59
CA LEU A 135 8.35 -1.29 -7.77
C LEU A 135 9.13 -0.82 -9.00
N ARG A 136 9.70 -1.76 -9.74
CA ARG A 136 10.48 -1.40 -10.91
C ARG A 136 9.79 -1.69 -12.23
N LEU A 137 9.64 -0.65 -13.04
CA LEU A 137 8.92 -0.77 -14.30
C LEU A 137 9.86 -0.48 -15.46
N LEU A 138 10.04 -1.47 -16.33
CA LEU A 138 10.84 -1.28 -17.52
C LEU A 138 9.94 -1.01 -18.73
N PHE A 139 10.11 0.16 -19.33
CA PHE A 139 9.37 0.52 -20.53
C PHE A 139 10.30 0.42 -21.74
N SER A 140 9.90 -0.36 -22.75
CA SER A 140 10.80 -0.59 -23.87
C SER A 140 10.13 -0.72 -25.22
N SER A 141 10.59 0.06 -26.19
CA SER A 141 10.13 -0.10 -27.56
C SER A 141 11.16 0.38 -28.56
N SER A 142 11.67 -0.54 -29.36
CA SER A 142 12.61 -0.22 -30.43
C SER A 142 11.95 0.76 -31.41
N ALA A 143 10.71 0.50 -31.76
CA ALA A 143 9.93 1.42 -32.60
C ALA A 143 9.91 2.85 -32.06
N ALA A 144 9.58 3.01 -30.78
CA ALA A 144 9.49 4.35 -30.18
C ALA A 144 10.88 4.91 -29.94
N PHE A 145 11.87 4.03 -30.05
CA PHE A 145 13.23 4.36 -29.67
C PHE A 145 13.34 4.84 -28.22
N ALA A 146 12.66 4.13 -27.32
CA ALA A 146 12.70 4.47 -25.90
C ALA A 146 12.80 3.25 -25.00
N LYS A 147 13.81 3.25 -24.15
CA LYS A 147 13.92 2.24 -23.10
C LYS A 147 14.44 2.85 -21.80
N PHE A 148 13.68 2.63 -20.72
CA PHE A 148 14.06 3.09 -19.39
C PHE A 148 13.35 2.32 -18.30
N GLU A 149 13.95 2.32 -17.11
CA GLU A 149 13.35 1.67 -15.97
C GLU A 149 13.14 2.71 -14.89
N ILE A 150 11.90 2.90 -14.46
CA ILE A 150 11.68 3.75 -13.32
C ILE A 150 11.45 2.90 -12.08
N THR A 151 12.06 3.31 -10.98
CA THR A 151 11.82 2.74 -9.67
C THR A 151 10.85 3.62 -8.90
N LEU A 152 9.70 3.06 -8.55
CA LEU A 152 8.73 3.76 -7.73
C LEU A 152 8.76 3.21 -6.30
N PHE A 153 8.93 4.09 -5.32
CA PHE A 153 8.93 3.67 -3.92
C PHE A 153 7.55 3.85 -3.31
N LEU A 154 6.86 2.74 -3.10
CA LEU A 154 5.49 2.76 -2.58
C LEU A 154 5.41 2.83 -1.06
N SER A 155 4.19 2.95 -0.54
CA SER A 155 3.91 2.99 0.90
C SER A 155 2.44 2.62 1.15
N ALA A 156 2.10 2.35 2.41
CA ALA A 156 0.72 1.98 2.75
C ALA A 156 -0.23 3.17 2.63
N TYR A 157 0.32 4.37 2.47
CA TYR A 157 -0.50 5.56 2.28
C TYR A 157 -0.96 5.69 0.83
N TYR A 158 -0.50 4.76 -0.02
CA TYR A 158 -0.92 4.75 -1.42
C TYR A 158 -2.45 4.71 -1.48
N PRO A 159 -3.06 5.48 -2.40
CA PRO A 159 -2.45 6.31 -3.44
C PRO A 159 -2.54 7.80 -3.13
N SER A 160 -2.64 8.13 -1.86
CA SER A 160 -2.96 9.51 -1.51
C SER A 160 -1.75 10.44 -1.39
N VAL A 161 -0.54 9.92 -1.57
CA VAL A 161 0.70 10.69 -1.37
C VAL A 161 1.66 10.63 -2.55
N PRO A 162 2.45 11.70 -2.77
CA PRO A 162 3.34 11.74 -3.94
C PRO A 162 4.48 10.72 -3.82
N LEU A 163 4.81 10.05 -4.92
CA LEU A 163 5.76 8.95 -4.90
C LEU A 163 7.16 9.40 -5.19
N PRO A 164 8.12 8.97 -4.36
CA PRO A 164 9.51 9.19 -4.78
C PRO A 164 9.79 8.26 -5.96
N SER A 165 10.67 8.68 -6.87
CA SER A 165 10.98 7.85 -8.01
C SER A 165 12.39 8.09 -8.49
N THR A 166 12.89 7.15 -9.25
CA THR A 166 14.24 7.20 -9.72
C THR A 166 14.19 6.62 -11.14
N ILE A 167 15.07 7.06 -12.03
CA ILE A 167 15.03 6.51 -13.38
C ILE A 167 16.39 6.05 -13.86
N GLN A 168 16.41 4.88 -14.50
CA GLN A 168 17.60 4.45 -15.21
C GLN A 168 17.31 4.45 -16.70
N ASN A 169 17.98 5.35 -17.41
CA ASN A 169 17.71 5.55 -18.81
C ASN A 169 18.67 4.75 -19.68
N HIS A 170 18.17 4.19 -20.78
CA HIS A 170 18.96 3.31 -21.63
C HIS A 170 19.01 3.81 -23.05
N VAL A 171 17.84 4.12 -23.58
CA VAL A 171 17.71 4.54 -24.97
C VAL A 171 16.68 5.66 -25.06
N GLY A 172 17.02 6.74 -25.74
CA GLY A 172 16.15 7.89 -25.85
C GLY A 172 16.52 8.94 -24.82
N ASN A 173 15.70 9.99 -24.73
CA ASN A 173 15.99 11.15 -23.90
C ASN A 173 15.22 11.25 -22.56
N THR A 174 14.52 10.21 -22.16
CA THR A 174 13.63 10.32 -21.00
C THR A 174 14.43 10.68 -19.76
N SER A 175 13.94 11.66 -19.01
CA SER A 175 14.63 12.14 -17.81
C SER A 175 13.82 12.02 -16.52
N GLN A 176 14.51 12.19 -15.40
CA GLN A 176 13.86 12.29 -14.09
C GLN A 176 12.75 13.33 -14.10
N ASP A 177 13.05 14.50 -14.67
CA ASP A 177 12.08 15.57 -14.75
C ASP A 177 10.84 15.12 -15.50
N ASP A 178 11.00 14.50 -16.66
CA ASP A 178 9.85 14.01 -17.42
C ASP A 178 8.97 13.10 -16.58
N ILE A 179 9.60 12.19 -15.84
CA ILE A 179 8.85 11.23 -15.05
C ILE A 179 8.18 11.90 -13.84
N ALA A 180 8.95 12.74 -13.16
CA ALA A 180 8.43 13.46 -12.01
C ALA A 180 7.20 14.25 -12.42
N THR A 181 7.25 14.80 -13.63
CA THR A 181 6.15 15.59 -14.15
C THR A 181 4.91 14.72 -14.35
N ILE A 182 5.10 13.59 -15.01
CA ILE A 182 4.02 12.64 -15.26
C ILE A 182 3.37 12.15 -13.97
N LEU A 183 4.20 11.82 -12.97
CA LEU A 183 3.69 11.38 -11.67
C LEU A 183 2.81 12.45 -11.05
N SER A 184 3.22 13.71 -11.22
CA SER A 184 2.54 14.84 -10.59
C SER A 184 1.18 15.10 -11.20
N LYS A 185 1.06 14.86 -12.50
CA LYS A 185 -0.16 15.19 -13.24
C LYS A 185 -1.28 14.22 -12.94
N VAL A 186 -0.93 12.98 -12.64
CA VAL A 186 -1.93 11.98 -12.35
C VAL A 186 -2.49 12.21 -10.95
N PRO A 187 -3.83 12.23 -10.83
CA PRO A 187 -4.50 12.48 -9.55
C PRO A 187 -4.16 11.42 -8.51
N LEU A 188 -3.67 11.87 -7.36
CA LEU A 188 -3.40 10.99 -6.23
C LEU A 188 -4.69 10.35 -5.72
N GLU A 189 -5.16 9.32 -6.39
CA GLU A 189 -6.37 8.63 -5.97
C GLU A 189 -6.38 7.27 -6.65
N ASN A 190 -7.48 6.55 -6.52
CA ASN A 190 -7.58 5.21 -7.09
C ASN A 190 -6.97 5.10 -8.47
N ASN A 191 -6.37 3.94 -8.74
CA ASN A 191 -5.82 3.63 -10.05
C ASN A 191 -4.62 4.50 -10.43
N TYR A 192 -4.08 5.19 -9.43
CA TYR A 192 -2.93 6.04 -9.65
C TYR A 192 -1.88 5.33 -10.53
N LEU A 193 -1.54 4.10 -10.14
CA LEU A 193 -0.46 3.38 -10.79
C LEU A 193 -0.80 3.00 -12.24
N LYS A 194 -2.01 2.49 -12.45
CA LYS A 194 -2.47 2.20 -13.79
C LYS A 194 -2.53 3.47 -14.64
N ASN A 195 -2.91 4.59 -14.03
CA ASN A 195 -3.01 5.86 -14.75
C ASN A 195 -1.65 6.46 -15.09
N VAL A 196 -0.67 6.23 -14.22
CA VAL A 196 0.68 6.66 -14.53
C VAL A 196 1.25 5.87 -15.71
N VAL A 197 1.00 4.56 -15.72
CA VAL A 197 1.47 3.70 -16.80
C VAL A 197 0.87 4.15 -18.12
N LYS A 198 -0.42 4.47 -18.11
CA LYS A 198 -1.10 4.97 -19.31
C LYS A 198 -0.53 6.31 -19.76
N GLN A 199 -0.34 7.22 -18.81
CA GLN A 199 0.26 8.52 -19.12
C GLN A 199 1.60 8.34 -19.78
N ILE A 200 2.43 7.47 -19.19
CA ILE A 200 3.76 7.23 -19.72
C ILE A 200 3.66 6.71 -21.15
N TYR A 201 2.76 5.75 -21.36
CA TYR A 201 2.56 5.18 -22.68
C TYR A 201 2.14 6.25 -23.69
N GLN A 202 1.11 7.02 -23.37
CA GLN A 202 0.60 8.04 -24.29
C GLN A 202 1.66 9.09 -24.63
N ASP A 203 2.28 9.64 -23.59
CA ASP A 203 3.22 10.74 -23.78
C ASP A 203 4.51 10.31 -24.47
N LEU A 204 5.05 9.16 -24.08
CA LEU A 204 6.42 8.80 -24.45
C LEU A 204 6.51 7.66 -25.46
N PHE A 205 5.42 6.92 -25.62
CA PHE A 205 5.42 5.77 -26.52
C PHE A 205 4.38 5.83 -27.63
N GLN A 206 3.35 6.66 -27.43
CA GLN A 206 2.46 6.99 -28.53
C GLN A 206 3.16 8.08 -29.35
N ASP A 207 4.07 8.80 -28.68
CA ASP A 207 4.80 9.91 -29.29
C ASP A 207 6.28 9.56 -29.53
CL CL B . -19.40 -1.65 21.76
C1 GOL C . 13.16 8.71 -1.65
O1 GOL C . 13.54 9.91 -1.01
C2 GOL C . 14.31 7.71 -1.68
O2 GOL C . 13.85 6.45 -1.23
C3 GOL C . 14.86 7.58 -3.09
O3 GOL C . 14.88 8.85 -3.71
C1 GOL D . 4.75 -7.39 -17.88
O1 GOL D . 5.48 -6.82 -18.96
C2 GOL D . 5.52 -8.57 -17.29
O2 GOL D . 4.62 -9.60 -16.98
C3 GOL D . 6.21 -8.12 -16.01
O3 GOL D . 7.22 -9.03 -15.65
C1 GOL E . -16.21 -12.74 20.81
O1 GOL E . -14.84 -13.05 20.87
C2 GOL E . -16.79 -13.19 19.47
O2 GOL E . -16.11 -12.55 18.41
C3 GOL E . -18.28 -12.86 19.42
O3 GOL E . -18.76 -12.97 18.09
#